data_4H0F
#
_entry.id   4H0F
#
_cell.length_a   42.400
_cell.length_b   93.990
_cell.length_c   66.880
_cell.angle_alpha   90.00
_cell.angle_beta   105.42
_cell.angle_gamma   90.00
#
_symmetry.space_group_name_H-M   'P 1 21 1'
#
loop_
_entity.id
_entity.type
_entity.pdbx_description
1 polymer 'Laminin-binding surface protein'
2 non-polymer 'ZINC ION'
3 water water
#
_entity_poly.entity_id   1
_entity_poly.type   'polypeptide(L)'
_entity_poly.pdbx_seq_one_letter_code
;GMSVVTSFYPMYAMTKEVSGDLNDVRMIQSGAGIHSFEPSVNDVAAIYDADLFVYHSHTLEAWARDLDPNLKKSKVNVFE
ASKPLTLDRVKPGATVYDPHTWTDPVLAGEEAVNIAKELGHLDPKHKDSYTKKAKAFKKEAEQLTEEYTQKFKKVRSKTF
VTQHTAFSYLAKRFGLKQLGISGISPEQEPSPRQLKEIQDFVKEYNVKTIFAEDNVNPKIAHAIAKSTGAKVKTLSPLEA
APSGNKTYLENLRANLEVLYQQLK
;
_entity_poly.pdbx_strand_id   A,B
#
loop_
_chem_comp.id
_chem_comp.type
_chem_comp.name
_chem_comp.formula
ZN non-polymer 'ZINC ION' 'Zn 2'
#
# COMPACT_ATOMS: atom_id res chain seq x y z
N GLY A 1 -26.95 9.51 -6.19
CA GLY A 1 -26.78 8.80 -4.88
C GLY A 1 -25.41 8.17 -4.73
N MET A 2 -25.11 7.18 -5.56
CA MET A 2 -23.84 6.44 -5.56
C MET A 2 -23.89 5.39 -4.46
N SER A 3 -23.94 4.13 -4.86
CA SER A 3 -24.01 3.01 -3.93
C SER A 3 -22.64 2.57 -3.39
N VAL A 4 -22.40 2.84 -2.10
CA VAL A 4 -21.14 2.47 -1.47
C VAL A 4 -21.30 1.25 -0.56
N VAL A 5 -20.48 0.23 -0.80
CA VAL A 5 -20.49 -0.97 0.01
C VAL A 5 -19.25 -0.88 0.88
N THR A 6 -19.35 -1.55 1.98
CA THR A 6 -18.33 -1.47 3.04
C THR A 6 -18.13 -2.86 3.65
N SER A 7 -16.90 -3.21 3.98
CA SER A 7 -16.59 -4.55 4.55
C SER A 7 -17.09 -4.86 5.96
N PHE A 8 -16.72 -4.05 6.95
CA PHE A 8 -17.21 -4.28 8.32
C PHE A 8 -17.29 -2.95 9.08
N TYR A 9 -17.87 -2.98 10.27
CA TYR A 9 -18.10 -1.75 11.02
C TYR A 9 -17.11 -0.59 10.84
N PRO A 10 -15.83 -0.77 11.23
CA PRO A 10 -14.91 0.37 11.06
C PRO A 10 -15.00 1.04 9.68
N MET A 11 -14.91 0.25 8.62
CA MET A 11 -15.01 0.81 7.27
C MET A 11 -16.36 1.50 7.08
N TYR A 12 -17.42 0.87 7.58
CA TYR A 12 -18.75 1.46 7.48
C TYR A 12 -18.87 2.81 8.18
N ALA A 13 -18.40 2.89 9.42
CA ALA A 13 -18.53 4.16 10.15
C ALA A 13 -17.67 5.30 9.58
N MET A 14 -16.45 5.00 9.15
CA MET A 14 -15.58 6.04 8.60
C MET A 14 -16.13 6.57 7.28
N THR A 15 -16.51 5.66 6.38
CA THR A 15 -17.01 6.10 5.09
C THR A 15 -18.35 6.79 5.23
N LYS A 16 -19.16 6.40 6.22
CA LYS A 16 -20.46 7.04 6.43
C LYS A 16 -20.37 8.45 7.03
N GLU A 17 -19.58 8.60 8.11
CA GLU A 17 -19.43 9.90 8.75
C GLU A 17 -18.78 10.90 7.80
N VAL A 18 -17.90 10.40 6.95
CA VAL A 18 -17.20 11.22 5.98
C VAL A 18 -18.10 11.53 4.77
N SER A 19 -19.02 10.63 4.46
CA SER A 19 -19.93 10.81 3.34
C SER A 19 -21.12 11.68 3.71
N GLY A 20 -21.49 11.67 4.98
CA GLY A 20 -22.63 12.45 5.43
C GLY A 20 -23.91 11.80 4.95
N ASP A 21 -24.77 12.58 4.29
CA ASP A 21 -26.02 12.05 3.74
C ASP A 21 -25.97 11.89 2.23
N LEU A 22 -24.92 12.44 1.61
CA LEU A 22 -24.73 12.40 0.16
C LEU A 22 -24.97 11.06 -0.52
N ASN A 23 -24.58 9.96 0.12
CA ASN A 23 -24.74 8.66 -0.52
C ASN A 23 -25.53 7.63 0.29
N ASP A 24 -25.45 6.37 -0.12
CA ASP A 24 -26.12 5.29 0.59
C ASP A 24 -25.11 4.23 0.96
N VAL A 25 -24.61 4.27 2.18
CA VAL A 25 -23.61 3.31 2.62
C VAL A 25 -24.19 2.07 3.31
N ARG A 26 -23.68 0.91 2.94
CA ARG A 26 -24.14 -0.35 3.52
C ARG A 26 -22.93 -1.15 3.99
N MET A 27 -23.17 -2.07 4.92
CA MET A 27 -22.11 -2.89 5.48
C MET A 27 -22.31 -4.35 5.12
N ILE A 28 -21.27 -5.00 4.59
CA ILE A 28 -21.38 -6.40 4.23
C ILE A 28 -21.53 -7.24 5.48
N GLN A 29 -20.52 -7.22 6.34
CA GLN A 29 -20.60 -8.00 7.56
C GLN A 29 -20.60 -7.13 8.81
N SER A 30 -21.72 -7.22 9.55
CA SER A 30 -21.90 -6.44 10.77
C SER A 30 -21.71 -7.29 12.00
N GLY A 31 -21.75 -8.61 11.81
CA GLY A 31 -21.59 -9.52 12.92
C GLY A 31 -20.15 -9.68 13.36
N ALA A 32 -19.79 -10.89 13.78
CA ALA A 32 -18.44 -11.17 14.22
C ALA A 32 -17.75 -12.18 13.31
N GLY A 33 -16.43 -12.27 13.43
CA GLY A 33 -15.71 -13.20 12.62
C GLY A 33 -15.14 -12.58 11.35
N ILE A 34 -15.02 -11.25 11.33
CA ILE A 34 -14.46 -10.62 10.15
C ILE A 34 -13.17 -11.31 9.75
N HIS A 35 -12.42 -11.78 10.74
CA HIS A 35 -11.13 -12.45 10.48
C HIS A 35 -11.27 -13.70 9.64
N SER A 36 -12.38 -14.39 9.80
CA SER A 36 -12.60 -15.62 9.05
C SER A 36 -13.75 -15.44 8.08
N PHE A 37 -14.21 -14.21 7.94
CA PHE A 37 -15.31 -13.96 7.02
C PHE A 37 -14.90 -14.33 5.59
N GLU A 38 -15.86 -14.87 4.87
CA GLU A 38 -15.70 -15.28 3.49
C GLU A 38 -17.05 -14.92 2.89
N PRO A 39 -17.05 -14.10 1.82
CA PRO A 39 -18.26 -13.66 1.14
C PRO A 39 -19.15 -14.71 0.47
N SER A 40 -20.44 -14.41 0.43
CA SER A 40 -21.40 -15.31 -0.21
C SER A 40 -21.57 -14.75 -1.62
N VAL A 41 -22.06 -15.57 -2.54
CA VAL A 41 -22.24 -15.11 -3.92
C VAL A 41 -23.20 -13.92 -3.97
N ASN A 42 -23.97 -13.75 -2.91
CA ASN A 42 -24.90 -12.63 -2.85
C ASN A 42 -24.05 -11.41 -2.51
N ASP A 43 -23.12 -11.60 -1.60
CA ASP A 43 -22.25 -10.50 -1.19
C ASP A 43 -21.43 -9.93 -2.34
N VAL A 44 -20.67 -10.77 -3.04
CA VAL A 44 -19.86 -10.27 -4.16
C VAL A 44 -20.75 -9.63 -5.22
N ALA A 45 -21.89 -10.25 -5.49
CA ALA A 45 -22.83 -9.73 -6.46
C ALA A 45 -23.22 -8.33 -6.03
N ALA A 46 -23.30 -8.14 -4.71
CA ALA A 46 -23.67 -6.86 -4.16
C ALA A 46 -22.52 -5.89 -4.38
N ILE A 47 -21.32 -6.36 -4.12
CA ILE A 47 -20.13 -5.53 -4.31
C ILE A 47 -20.10 -5.07 -5.76
N TYR A 48 -20.18 -6.03 -6.68
CA TYR A 48 -20.16 -5.68 -8.11
C TYR A 48 -21.29 -4.79 -8.59
N ASP A 49 -22.46 -4.85 -7.95
CA ASP A 49 -23.53 -4.00 -8.41
C ASP A 49 -23.41 -2.64 -7.77
N ALA A 50 -22.41 -2.48 -6.92
CA ALA A 50 -22.16 -1.23 -6.20
C ALA A 50 -21.29 -0.27 -7.00
N ASP A 51 -21.22 0.97 -6.54
CA ASP A 51 -20.40 1.94 -7.23
C ASP A 51 -19.02 1.98 -6.57
N LEU A 52 -19.00 1.56 -5.31
CA LEU A 52 -17.80 1.62 -4.53
C LEU A 52 -17.77 0.61 -3.42
N PHE A 53 -16.73 -0.19 -3.39
CA PHE A 53 -16.56 -1.18 -2.34
C PHE A 53 -15.35 -0.80 -1.51
N VAL A 54 -15.59 -0.49 -0.24
CA VAL A 54 -14.53 -0.09 0.67
C VAL A 54 -14.17 -1.19 1.64
N TYR A 55 -12.90 -1.55 1.71
CA TYR A 55 -12.50 -2.57 2.69
C TYR A 55 -11.23 -2.06 3.35
N HIS A 56 -10.83 -2.68 4.46
CA HIS A 56 -9.67 -2.21 5.20
C HIS A 56 -8.31 -2.48 4.62
N SER A 57 -7.97 -3.76 4.50
CA SER A 57 -6.67 -4.16 3.97
C SER A 57 -6.66 -5.61 3.53
N HIS A 58 -5.88 -5.91 2.50
CA HIS A 58 -5.79 -7.27 1.97
C HIS A 58 -5.31 -8.24 3.04
N THR A 59 -4.52 -7.73 4.00
CA THR A 59 -4.01 -8.59 5.06
C THR A 59 -5.15 -9.11 5.94
N LEU A 60 -6.29 -8.43 5.94
CA LEU A 60 -7.46 -8.84 6.73
C LEU A 60 -8.52 -9.46 5.81
N GLU A 61 -9.07 -8.65 4.91
CA GLU A 61 -10.07 -9.15 3.98
C GLU A 61 -9.32 -9.53 2.71
N ALA A 62 -8.55 -10.60 2.80
CA ALA A 62 -7.77 -11.08 1.67
C ALA A 62 -8.68 -11.38 0.49
N TRP A 63 -9.86 -11.92 0.77
CA TRP A 63 -10.82 -12.26 -0.28
C TRP A 63 -11.09 -11.10 -1.22
N ALA A 64 -11.03 -9.88 -0.70
CA ALA A 64 -11.27 -8.66 -1.47
C ALA A 64 -10.37 -8.49 -2.68
N ARG A 65 -9.10 -8.85 -2.56
CA ARG A 65 -8.20 -8.71 -3.72
C ARG A 65 -8.58 -9.66 -4.83
N ASP A 66 -9.37 -10.69 -4.51
CA ASP A 66 -9.81 -11.64 -5.53
C ASP A 66 -10.89 -11.02 -6.42
N LEU A 67 -11.49 -9.94 -5.94
CA LEU A 67 -12.52 -9.23 -6.67
C LEU A 67 -11.90 -8.60 -7.90
N ASP A 68 -12.54 -8.81 -9.05
CA ASP A 68 -12.07 -8.30 -10.32
C ASP A 68 -13.19 -7.73 -11.18
N PRO A 69 -13.39 -6.40 -11.12
CA PRO A 69 -14.42 -5.70 -11.89
C PRO A 69 -14.30 -5.86 -13.40
N ASN A 70 -13.16 -5.40 -13.94
CA ASN A 70 -12.90 -5.45 -15.37
C ASN A 70 -13.38 -6.77 -15.95
N LEU A 71 -13.05 -7.86 -15.27
CA LEU A 71 -13.46 -9.18 -15.75
C LEU A 71 -14.97 -9.41 -15.70
N LYS A 72 -15.57 -9.11 -14.57
CA LYS A 72 -17.00 -9.30 -14.39
C LYS A 72 -17.85 -8.23 -15.06
N LYS A 73 -17.23 -7.36 -15.85
CA LYS A 73 -17.93 -6.29 -16.54
C LYS A 73 -18.65 -5.35 -15.58
N SER A 74 -18.08 -5.14 -14.40
CA SER A 74 -18.69 -4.26 -13.41
C SER A 74 -18.04 -2.87 -13.37
N LYS A 75 -18.82 -1.86 -13.01
CA LYS A 75 -18.33 -0.49 -12.91
C LYS A 75 -18.03 -0.11 -11.45
N VAL A 76 -17.72 -1.12 -10.64
CA VAL A 76 -17.44 -0.91 -9.23
C VAL A 76 -16.00 -0.45 -9.00
N ASN A 77 -15.81 0.31 -7.92
CA ASN A 77 -14.50 0.79 -7.55
C ASN A 77 -14.07 0.13 -6.24
N VAL A 78 -13.22 -0.88 -6.33
CA VAL A 78 -12.74 -1.57 -5.14
C VAL A 78 -11.63 -0.71 -4.53
N PHE A 79 -11.83 -0.30 -3.28
CA PHE A 79 -10.89 0.58 -2.59
C PHE A 79 -10.36 0.04 -1.25
N GLU A 80 -9.05 -0.17 -1.15
CA GLU A 80 -8.41 -0.66 0.08
C GLU A 80 -7.98 0.55 0.88
N ALA A 81 -8.85 1.02 1.78
CA ALA A 81 -8.58 2.23 2.55
C ALA A 81 -7.35 2.32 3.44
N SER A 82 -6.74 1.21 3.82
CA SER A 82 -5.54 1.32 4.65
C SER A 82 -4.24 1.20 3.85
N LYS A 83 -4.34 1.11 2.53
CA LYS A 83 -3.14 0.97 1.68
C LYS A 83 -1.99 1.93 2.02
N PRO A 84 -2.28 3.22 2.23
CA PRO A 84 -1.25 4.21 2.57
C PRO A 84 -0.57 3.93 3.92
N LEU A 85 -1.32 3.34 4.85
CA LEU A 85 -0.82 3.01 6.17
C LEU A 85 0.19 1.86 6.11
N THR A 86 1.17 1.89 7.01
CA THR A 86 2.21 0.84 7.07
C THR A 86 1.99 -0.05 8.29
N LEU A 87 1.75 -1.34 8.05
CA LEU A 87 1.48 -2.28 9.12
C LEU A 87 2.71 -2.93 9.74
N ASP A 88 2.67 -3.10 11.06
CA ASP A 88 3.76 -3.72 11.78
C ASP A 88 3.64 -5.19 11.47
N ARG A 89 4.76 -5.89 11.42
CA ARG A 89 4.67 -7.31 11.17
C ARG A 89 4.22 -7.86 12.53
N VAL A 90 3.59 -9.01 12.50
CA VAL A 90 3.09 -9.57 13.75
C VAL A 90 4.15 -9.96 14.74
N LYS A 91 5.22 -10.50 14.22
CA LYS A 91 6.30 -10.93 15.05
C LYS A 91 7.56 -10.50 14.35
N PRO A 92 8.57 -10.19 15.16
CA PRO A 92 9.88 -9.76 14.66
C PRO A 92 10.32 -10.95 13.84
N GLY A 93 10.40 -10.75 12.53
CA GLY A 93 10.77 -11.85 11.64
C GLY A 93 9.51 -12.69 11.39
N ALA A 94 8.67 -12.20 10.48
CA ALA A 94 7.43 -12.87 10.13
C ALA A 94 6.85 -12.23 8.86
N THR A 95 6.33 -13.07 7.98
CA THR A 95 5.76 -12.62 6.71
C THR A 95 4.35 -12.05 6.89
N VAL A 96 3.78 -12.14 8.10
CA VAL A 96 2.44 -11.62 8.33
C VAL A 96 2.39 -10.28 9.08
N TYR A 97 1.36 -9.47 8.77
CA TYR A 97 1.17 -8.16 9.37
C TYR A 97 -0.08 -8.06 10.28
N ASP A 98 -0.06 -7.06 11.16
CA ASP A 98 -1.16 -6.79 12.08
C ASP A 98 -2.03 -5.72 11.42
N PRO A 99 -3.31 -6.01 11.20
CA PRO A 99 -4.23 -5.07 10.56
C PRO A 99 -5.05 -4.17 11.50
N HIS A 100 -4.96 -4.39 12.81
CA HIS A 100 -5.73 -3.61 13.79
C HIS A 100 -5.28 -2.17 14.00
N THR A 101 -5.25 -1.38 12.94
CA THR A 101 -4.81 0.03 13.01
C THR A 101 -5.92 1.00 13.35
N TRP A 102 -7.17 0.59 13.13
CA TRP A 102 -8.30 1.47 13.39
C TRP A 102 -8.49 1.77 14.86
N THR A 103 -8.11 0.86 15.76
CA THR A 103 -8.28 1.14 17.19
C THR A 103 -7.29 2.22 17.66
N ASP A 104 -6.41 2.67 16.77
CA ASP A 104 -5.48 3.73 17.13
C ASP A 104 -6.04 4.97 16.44
N PRO A 105 -6.56 5.93 17.22
CA PRO A 105 -7.15 7.19 16.78
C PRO A 105 -6.50 7.87 15.58
N VAL A 106 -5.20 8.17 15.70
CA VAL A 106 -4.45 8.81 14.63
C VAL A 106 -4.52 8.10 13.27
N LEU A 107 -4.30 6.79 13.27
CA LEU A 107 -4.37 5.99 12.05
C LEU A 107 -5.82 5.93 11.56
N ALA A 108 -6.75 5.79 12.50
CA ALA A 108 -8.16 5.73 12.17
C ALA A 108 -8.51 7.04 11.47
N GLY A 109 -8.09 8.14 12.08
CA GLY A 109 -8.36 9.44 11.52
C GLY A 109 -7.82 9.57 10.11
N GLU A 110 -6.59 9.12 9.88
CA GLU A 110 -6.04 9.26 8.55
C GLU A 110 -6.54 8.19 7.59
N GLU A 111 -7.17 7.14 8.10
CA GLU A 111 -7.72 6.15 7.19
C GLU A 111 -8.95 6.84 6.63
N ALA A 112 -9.70 7.49 7.52
CA ALA A 112 -10.91 8.22 7.12
C ALA A 112 -10.58 9.33 6.14
N VAL A 113 -9.37 9.88 6.20
CA VAL A 113 -9.02 10.94 5.26
C VAL A 113 -8.78 10.35 3.87
N ASN A 114 -8.27 9.12 3.82
CA ASN A 114 -8.03 8.47 2.53
C ASN A 114 -9.38 8.12 1.91
N ILE A 115 -10.31 7.64 2.73
CA ILE A 115 -11.63 7.28 2.24
C ILE A 115 -12.33 8.48 1.62
N ALA A 116 -12.16 9.66 2.24
CA ALA A 116 -12.78 10.88 1.72
C ALA A 116 -12.15 11.28 0.39
N LYS A 117 -10.86 10.99 0.23
CA LYS A 117 -10.18 11.33 -1.02
C LYS A 117 -10.73 10.49 -2.17
N GLU A 118 -11.25 9.32 -1.83
CA GLU A 118 -11.81 8.42 -2.80
C GLU A 118 -13.19 8.93 -3.20
N LEU A 119 -14.03 9.18 -2.20
CA LEU A 119 -15.37 9.71 -2.45
C LEU A 119 -15.24 10.97 -3.31
N GLY A 120 -14.39 11.88 -2.87
CA GLY A 120 -14.19 13.11 -3.60
C GLY A 120 -13.72 12.84 -5.02
N HIS A 121 -12.84 11.84 -5.18
CA HIS A 121 -12.32 11.48 -6.50
C HIS A 121 -13.39 10.83 -7.37
N LEU A 122 -14.39 10.21 -6.76
CA LEU A 122 -15.43 9.56 -7.54
C LEU A 122 -16.69 10.41 -7.69
N ASP A 123 -16.79 11.50 -6.92
CA ASP A 123 -17.94 12.38 -6.98
C ASP A 123 -17.52 13.83 -6.74
N PRO A 124 -16.71 14.40 -7.66
CA PRO A 124 -16.17 15.75 -7.67
C PRO A 124 -17.11 16.90 -7.32
N LYS A 125 -18.39 16.75 -7.62
CA LYS A 125 -19.35 17.80 -7.33
C LYS A 125 -19.62 17.98 -5.84
N HIS A 126 -18.96 17.15 -5.02
CA HIS A 126 -19.12 17.23 -3.57
C HIS A 126 -17.78 17.05 -2.88
N LYS A 127 -16.72 17.03 -3.67
CA LYS A 127 -15.37 16.88 -3.16
C LYS A 127 -15.10 17.74 -1.92
N ASP A 128 -15.71 18.92 -1.88
CA ASP A 128 -15.52 19.83 -0.76
C ASP A 128 -16.17 19.28 0.51
N SER A 129 -17.43 18.87 0.38
CA SER A 129 -18.19 18.32 1.50
C SER A 129 -17.46 17.13 2.14
N TYR A 130 -16.77 16.34 1.31
CA TYR A 130 -16.04 15.17 1.81
C TYR A 130 -14.84 15.53 2.66
N THR A 131 -13.92 16.30 2.10
CA THR A 131 -12.72 16.69 2.84
C THR A 131 -13.10 17.50 4.06
N LYS A 132 -14.23 18.19 3.98
CA LYS A 132 -14.69 19.00 5.10
C LYS A 132 -15.11 18.09 6.25
N LYS A 133 -15.79 16.99 5.93
CA LYS A 133 -16.22 16.05 6.96
C LYS A 133 -15.05 15.22 7.47
N ALA A 134 -14.01 15.11 6.65
CA ALA A 134 -12.83 14.33 7.03
C ALA A 134 -11.97 15.10 8.01
N LYS A 135 -11.82 16.41 7.76
CA LYS A 135 -11.02 17.24 8.65
C LYS A 135 -11.64 17.20 10.04
N ALA A 136 -12.97 17.30 10.09
CA ALA A 136 -13.69 17.28 11.36
C ALA A 136 -13.35 16.00 12.12
N PHE A 137 -13.54 14.86 11.45
CA PHE A 137 -13.28 13.53 12.00
C PHE A 137 -11.83 13.41 12.47
N LYS A 138 -10.90 13.81 11.61
CA LYS A 138 -9.49 13.73 11.96
C LYS A 138 -9.14 14.64 13.13
N LYS A 139 -9.72 15.84 13.11
CA LYS A 139 -9.48 16.82 14.18
C LYS A 139 -9.94 16.19 15.47
N GLU A 140 -11.13 15.63 15.47
CA GLU A 140 -11.68 14.98 16.64
C GLU A 140 -10.72 13.89 17.05
N ALA A 141 -10.31 13.11 16.06
CA ALA A 141 -9.37 12.03 16.28
C ALA A 141 -8.12 12.50 17.02
N GLU A 142 -7.60 13.67 16.66
CA GLU A 142 -6.40 14.21 17.31
C GLU A 142 -6.81 14.63 18.70
N GLN A 143 -8.00 15.24 18.79
CA GLN A 143 -8.51 15.69 20.07
C GLN A 143 -8.55 14.49 21.01
N LEU A 144 -9.10 13.38 20.51
CA LEU A 144 -9.20 12.16 21.29
C LEU A 144 -7.81 11.65 21.63
N THR A 145 -6.87 11.83 20.71
CA THR A 145 -5.50 11.37 20.94
C THR A 145 -4.85 12.16 22.07
N GLU A 146 -4.80 13.48 21.92
CA GLU A 146 -4.22 14.36 22.93
C GLU A 146 -4.81 14.10 24.30
N GLU A 147 -6.09 13.77 24.34
CA GLU A 147 -6.75 13.53 25.61
C GLU A 147 -6.21 12.33 26.37
N TYR A 148 -6.35 11.15 25.80
CA TYR A 148 -5.89 9.96 26.46
C TYR A 148 -4.39 9.85 26.62
N THR A 149 -3.64 10.49 25.74
CA THR A 149 -2.19 10.42 25.86
C THR A 149 -1.78 11.08 27.18
N GLN A 150 -2.64 11.97 27.69
CA GLN A 150 -2.37 12.64 28.96
C GLN A 150 -2.82 11.75 30.10
N LYS A 151 -4.05 11.23 29.98
CA LYS A 151 -4.61 10.37 30.98
C LYS A 151 -3.74 9.15 31.26
N PHE A 152 -3.18 8.56 30.20
CA PHE A 152 -2.35 7.39 30.37
C PHE A 152 -0.95 7.66 30.94
N LYS A 153 -0.39 8.84 30.67
CA LYS A 153 0.92 9.17 31.21
C LYS A 153 0.80 9.41 32.72
N LYS A 154 -0.43 9.51 33.19
CA LYS A 154 -0.69 9.73 34.60
C LYS A 154 -1.16 8.43 35.24
N VAL A 155 -0.87 7.32 34.58
CA VAL A 155 -1.23 6.01 35.07
C VAL A 155 0.06 5.23 35.14
N ARG A 156 0.44 4.71 36.27
CA ARG A 156 1.67 3.97 36.24
C ARG A 156 1.50 2.54 35.68
N SER A 157 0.27 2.01 35.73
CA SER A 157 0.01 0.70 35.13
C SER A 157 0.01 0.89 33.60
N LYS A 158 0.75 0.05 32.90
CA LYS A 158 0.91 0.18 31.44
C LYS A 158 0.48 -1.04 30.62
N THR A 159 0.36 -2.18 31.28
CA THR A 159 0.04 -3.41 30.58
C THR A 159 -1.36 -4.00 30.81
N PHE A 160 -1.90 -4.60 29.76
CA PHE A 160 -3.21 -5.23 29.82
C PHE A 160 -3.21 -6.45 28.91
N VAL A 161 -4.12 -7.36 29.18
CA VAL A 161 -4.25 -8.58 28.38
C VAL A 161 -5.62 -8.59 27.70
N THR A 162 -5.65 -8.93 26.40
CA THR A 162 -6.92 -8.94 25.69
C THR A 162 -7.23 -10.31 25.09
N GLN A 163 -8.51 -10.52 24.76
CA GLN A 163 -8.99 -11.78 24.19
C GLN A 163 -8.18 -12.17 22.98
N HIS A 164 -7.93 -11.24 22.06
CA HIS A 164 -7.05 -11.52 20.91
C HIS A 164 -6.19 -10.28 20.60
N THR A 165 -5.08 -10.45 19.89
CA THR A 165 -4.20 -9.32 19.62
C THR A 165 -4.79 -8.26 18.70
N ALA A 166 -5.65 -7.39 19.24
CA ALA A 166 -6.30 -6.37 18.43
C ALA A 166 -6.08 -4.94 18.91
N PHE A 167 -5.16 -4.74 19.85
CA PHE A 167 -4.94 -3.37 20.32
C PHE A 167 -3.45 -2.98 20.34
N SER A 168 -2.63 -3.68 19.55
CA SER A 168 -1.21 -3.35 19.50
C SER A 168 -1.00 -1.88 19.10
N TYR A 169 -1.64 -1.44 18.04
CA TYR A 169 -1.51 -0.05 17.58
C TYR A 169 -2.03 0.98 18.59
N LEU A 170 -3.10 0.64 19.31
CA LEU A 170 -3.65 1.55 20.32
C LEU A 170 -2.65 1.63 21.47
N ALA A 171 -2.17 0.47 21.89
CA ALA A 171 -1.23 0.42 23.00
C ALA A 171 0.04 1.17 22.62
N LYS A 172 0.58 0.80 21.48
CA LYS A 172 1.79 1.42 20.98
C LYS A 172 1.66 2.93 20.98
N ARG A 173 0.48 3.46 20.70
CA ARG A 173 0.37 4.91 20.66
C ARG A 173 0.27 5.58 22.00
N PHE A 174 -0.25 4.88 22.99
CA PHE A 174 -0.39 5.48 24.31
C PHE A 174 0.67 4.97 25.27
N GLY A 175 1.77 4.47 24.73
CA GLY A 175 2.84 3.95 25.56
C GLY A 175 2.45 2.83 26.49
N LEU A 176 1.50 1.99 26.06
CA LEU A 176 1.02 0.86 26.83
C LEU A 176 1.56 -0.42 26.22
N LYS A 177 1.56 -1.50 26.99
CA LYS A 177 2.03 -2.78 26.49
C LYS A 177 0.87 -3.75 26.58
N GLN A 178 0.67 -4.55 25.54
CA GLN A 178 -0.41 -5.50 25.57
C GLN A 178 0.03 -6.88 25.11
N LEU A 179 -0.84 -7.85 25.38
CA LEU A 179 -0.62 -9.23 25.01
C LEU A 179 -1.98 -9.85 24.77
N GLY A 180 -2.13 -10.58 23.67
CA GLY A 180 -3.41 -11.18 23.36
C GLY A 180 -3.50 -12.65 23.66
N ILE A 181 -4.58 -13.06 24.32
CA ILE A 181 -4.77 -14.46 24.66
C ILE A 181 -4.70 -15.27 23.37
N SER A 182 -5.26 -14.73 22.31
CA SER A 182 -5.23 -15.37 21.01
C SER A 182 -4.42 -14.48 20.10
N GLY A 183 -4.13 -14.97 18.91
CA GLY A 183 -3.35 -14.19 17.96
C GLY A 183 -4.13 -13.13 17.22
N ILE A 184 -3.57 -12.66 16.09
CA ILE A 184 -4.21 -11.63 15.27
C ILE A 184 -5.67 -11.96 14.99
N SER A 185 -6.00 -13.25 15.07
CA SER A 185 -7.38 -13.66 14.85
C SER A 185 -7.80 -14.48 16.06
N PRO A 186 -9.07 -14.38 16.46
CA PRO A 186 -9.60 -15.13 17.61
C PRO A 186 -9.58 -16.64 17.46
N GLU A 187 -9.53 -17.15 16.22
CA GLU A 187 -9.51 -18.60 16.00
C GLU A 187 -8.14 -19.16 16.33
N GLN A 188 -7.12 -18.31 16.28
CA GLN A 188 -5.75 -18.71 16.56
C GLN A 188 -5.55 -18.84 18.06
N GLU A 189 -6.24 -19.82 18.64
CA GLU A 189 -6.21 -20.10 20.07
C GLU A 189 -4.87 -20.62 20.58
N PRO A 190 -4.51 -20.27 21.82
CA PRO A 190 -3.27 -20.66 22.49
C PRO A 190 -3.13 -22.13 22.91
N SER A 191 -1.93 -22.68 22.70
CA SER A 191 -1.64 -24.06 23.07
C SER A 191 -1.44 -24.03 24.58
N PRO A 192 -1.25 -25.19 25.22
CA PRO A 192 -1.05 -25.11 26.67
C PRO A 192 0.21 -24.32 27.03
N ARG A 193 1.13 -24.21 26.07
CA ARG A 193 2.37 -23.48 26.29
C ARG A 193 2.11 -21.99 26.43
N GLN A 194 1.46 -21.41 25.43
CA GLN A 194 1.15 -19.99 25.41
C GLN A 194 0.29 -19.56 26.58
N LEU A 195 -0.52 -20.47 27.03
CA LEU A 195 -1.37 -20.16 28.17
C LEU A 195 -0.51 -19.87 29.37
N LYS A 196 0.50 -20.69 29.58
CA LYS A 196 1.39 -20.50 30.70
C LYS A 196 2.26 -19.26 30.50
N GLU A 197 2.46 -18.90 29.23
CA GLU A 197 3.23 -17.70 28.91
C GLU A 197 2.37 -16.47 29.17
N ILE A 198 1.07 -16.60 28.91
CA ILE A 198 0.14 -15.52 29.15
C ILE A 198 0.12 -15.34 30.65
N GLN A 199 0.06 -16.46 31.35
CA GLN A 199 0.00 -16.44 32.80
C GLN A 199 1.21 -15.75 33.41
N ASP A 200 2.40 -16.24 33.08
CA ASP A 200 3.64 -15.66 33.60
C ASP A 200 3.83 -14.19 33.17
N PHE A 201 3.21 -13.83 32.05
CA PHE A 201 3.27 -12.46 31.55
C PHE A 201 2.34 -11.60 32.40
N VAL A 202 1.21 -12.17 32.80
CA VAL A 202 0.27 -11.44 33.63
C VAL A 202 0.93 -11.20 34.97
N LYS A 203 1.60 -12.24 35.47
CA LYS A 203 2.28 -12.15 36.76
C LYS A 203 3.48 -11.22 36.68
N GLU A 204 4.26 -11.35 35.60
CA GLU A 204 5.45 -10.51 35.41
C GLU A 204 5.14 -9.02 35.50
N TYR A 205 4.15 -8.56 34.74
CA TYR A 205 3.78 -7.15 34.74
C TYR A 205 2.59 -6.79 35.66
N ASN A 206 2.28 -7.67 36.60
CA ASN A 206 1.15 -7.48 37.53
C ASN A 206 -0.06 -6.89 36.81
N VAL A 207 -0.47 -7.57 35.74
CA VAL A 207 -1.62 -7.16 34.96
C VAL A 207 -2.84 -7.51 35.79
N LYS A 208 -3.70 -6.55 36.10
CA LYS A 208 -4.84 -6.91 36.92
C LYS A 208 -6.23 -6.94 36.28
N THR A 209 -6.27 -7.02 34.95
CA THR A 209 -7.51 -7.08 34.20
C THR A 209 -7.35 -7.75 32.86
N ILE A 210 -8.09 -8.82 32.64
CA ILE A 210 -8.05 -9.54 31.36
C ILE A 210 -9.33 -9.13 30.60
N PHE A 211 -9.16 -8.40 29.50
CA PHE A 211 -10.30 -7.90 28.70
C PHE A 211 -10.85 -8.86 27.66
N ALA A 212 -12.03 -9.41 27.94
CA ALA A 212 -12.69 -10.32 27.01
C ALA A 212 -13.47 -9.48 26.03
N GLU A 213 -14.04 -10.11 25.02
CA GLU A 213 -14.82 -9.39 24.03
C GLU A 213 -16.13 -10.11 23.75
N ASP A 214 -17.15 -9.35 23.36
CA ASP A 214 -18.45 -9.94 23.10
C ASP A 214 -18.49 -10.97 21.98
N ASN A 215 -17.52 -10.90 21.08
CA ASN A 215 -17.44 -11.80 19.94
C ASN A 215 -17.04 -13.26 20.23
N VAL A 216 -16.26 -13.49 21.29
CA VAL A 216 -15.83 -14.85 21.58
C VAL A 216 -16.16 -15.36 22.98
N ASN A 217 -15.89 -16.65 23.20
CA ASN A 217 -16.14 -17.29 24.48
C ASN A 217 -15.08 -16.90 25.52
N PRO A 218 -15.52 -16.30 26.63
CA PRO A 218 -14.61 -15.87 27.70
C PRO A 218 -14.08 -16.97 28.63
N LYS A 219 -14.41 -18.23 28.37
CA LYS A 219 -13.93 -19.31 29.24
C LYS A 219 -12.45 -19.19 29.58
N ILE A 220 -11.61 -19.23 28.55
CA ILE A 220 -10.17 -19.14 28.70
C ILE A 220 -9.72 -17.85 29.39
N ALA A 221 -10.43 -16.77 29.12
CA ALA A 221 -10.09 -15.49 29.73
C ALA A 221 -10.41 -15.57 31.23
N HIS A 222 -11.57 -16.10 31.58
CA HIS A 222 -11.97 -16.25 32.99
C HIS A 222 -10.95 -17.15 33.68
N ALA A 223 -10.56 -18.21 32.98
CA ALA A 223 -9.58 -19.16 33.48
C ALA A 223 -8.30 -18.47 33.90
N ILE A 224 -7.62 -17.86 32.94
CA ILE A 224 -6.39 -17.14 33.24
C ILE A 224 -6.64 -16.19 34.42
N ALA A 225 -7.68 -15.38 34.30
CA ALA A 225 -8.04 -14.42 35.32
C ALA A 225 -8.19 -15.00 36.73
N LYS A 226 -8.76 -16.18 36.83
CA LYS A 226 -8.94 -16.79 38.15
C LYS A 226 -7.61 -17.30 38.68
N SER A 227 -6.75 -17.78 37.80
CA SER A 227 -5.44 -18.30 38.20
C SER A 227 -4.38 -17.24 38.47
N THR A 228 -4.63 -16.01 38.04
CA THR A 228 -3.64 -14.96 38.25
C THR A 228 -4.18 -13.81 39.10
N GLY A 229 -5.38 -14.01 39.65
CA GLY A 229 -5.97 -12.99 40.51
C GLY A 229 -6.45 -11.75 39.79
N ALA A 230 -6.50 -11.76 38.47
CA ALA A 230 -6.97 -10.60 37.75
C ALA A 230 -8.47 -10.77 37.47
N LYS A 231 -9.16 -9.65 37.28
CA LYS A 231 -10.60 -9.65 37.01
C LYS A 231 -10.83 -9.50 35.50
N VAL A 232 -12.04 -9.83 35.05
CA VAL A 232 -12.38 -9.73 33.62
C VAL A 232 -13.33 -8.58 33.30
N LYS A 233 -12.98 -7.81 32.28
CA LYS A 233 -13.81 -6.70 31.83
C LYS A 233 -13.96 -6.82 30.31
N THR A 234 -14.87 -6.06 29.74
CA THR A 234 -15.08 -6.13 28.30
C THR A 234 -14.50 -4.94 27.56
N LEU A 235 -13.74 -5.25 26.52
CA LEU A 235 -13.10 -4.26 25.69
C LEU A 235 -13.39 -4.65 24.29
N SER A 236 -13.87 -3.71 23.51
CA SER A 236 -14.19 -3.98 22.10
C SER A 236 -13.19 -3.54 21.01
N PRO A 237 -12.74 -4.51 20.17
CA PRO A 237 -11.79 -4.20 19.09
C PRO A 237 -12.51 -3.54 17.90
N LEU A 238 -13.80 -3.30 18.09
CA LEU A 238 -14.70 -2.67 17.14
C LEU A 238 -14.81 -3.42 15.84
N GLU A 239 -14.64 -4.73 15.91
CA GLU A 239 -14.73 -5.54 14.70
C GLU A 239 -16.19 -5.86 14.47
N ALA A 240 -16.98 -5.69 15.52
CA ALA A 240 -18.41 -5.93 15.41
C ALA A 240 -19.13 -4.61 15.63
N ALA A 241 -20.18 -4.38 14.86
CA ALA A 241 -20.97 -3.15 14.94
C ALA A 241 -21.50 -2.99 16.36
N PRO A 242 -21.10 -1.90 17.03
CA PRO A 242 -21.54 -1.63 18.40
C PRO A 242 -23.01 -1.31 18.51
N SER A 243 -23.59 -1.68 19.65
CA SER A 243 -25.00 -1.40 19.91
C SER A 243 -25.09 0.11 20.12
N GLY A 244 -26.31 0.64 20.15
CA GLY A 244 -26.47 2.07 20.35
C GLY A 244 -26.20 2.83 19.07
N ASN A 245 -26.18 4.16 19.16
CA ASN A 245 -25.93 4.99 17.97
C ASN A 245 -24.88 6.08 18.15
N LYS A 246 -23.71 5.68 18.65
CA LYS A 246 -22.59 6.57 18.85
C LYS A 246 -21.75 6.71 17.57
N THR A 247 -20.98 7.78 17.51
CA THR A 247 -20.10 8.00 16.38
C THR A 247 -18.99 6.94 16.52
N TYR A 248 -18.19 6.75 15.48
CA TYR A 248 -17.11 5.77 15.57
C TYR A 248 -16.15 6.18 16.69
N LEU A 249 -15.71 7.44 16.64
CA LEU A 249 -14.79 7.94 17.64
C LEU A 249 -15.43 7.89 19.02
N GLU A 250 -16.72 8.16 19.10
CA GLU A 250 -17.37 8.11 20.40
C GLU A 250 -17.28 6.66 20.89
N ASN A 251 -17.53 5.72 19.99
CA ASN A 251 -17.43 4.31 20.37
C ASN A 251 -16.00 3.98 20.80
N LEU A 252 -15.03 4.58 20.13
CA LEU A 252 -13.64 4.30 20.47
C LEU A 252 -13.34 4.92 21.84
N ARG A 253 -13.69 6.18 22.01
CA ARG A 253 -13.47 6.87 23.28
C ARG A 253 -13.99 6.05 24.45
N ALA A 254 -15.18 5.48 24.30
CA ALA A 254 -15.82 4.72 25.36
C ALA A 254 -15.00 3.52 25.73
N ASN A 255 -14.37 2.91 24.72
CA ASN A 255 -13.51 1.76 24.96
C ASN A 255 -12.18 2.12 25.57
N LEU A 256 -11.55 3.21 25.15
CA LEU A 256 -10.31 3.50 25.80
C LEU A 256 -10.55 4.18 27.14
N GLU A 257 -11.81 4.46 27.46
CA GLU A 257 -12.13 5.07 28.76
C GLU A 257 -12.15 3.94 29.78
N VAL A 258 -12.73 2.81 29.41
CA VAL A 258 -12.76 1.67 30.31
C VAL A 258 -11.31 1.23 30.50
N LEU A 259 -10.51 1.36 29.44
CA LEU A 259 -9.11 0.98 29.49
C LEU A 259 -8.40 1.82 30.54
N TYR A 260 -8.65 3.13 30.49
CA TYR A 260 -8.06 4.08 31.42
C TYR A 260 -8.47 3.82 32.86
N GLN A 261 -9.75 3.49 33.06
CA GLN A 261 -10.26 3.21 34.39
C GLN A 261 -9.67 1.94 34.99
N GLN A 262 -9.67 0.86 34.21
CA GLN A 262 -9.13 -0.39 34.69
C GLN A 262 -7.65 -0.25 35.01
N LEU A 263 -6.95 0.51 34.17
CA LEU A 263 -5.51 0.72 34.36
C LEU A 263 -5.12 1.69 35.47
N LYS A 264 -6.08 2.35 36.08
CA LYS A 264 -5.72 3.30 37.13
C LYS A 264 -6.24 2.87 38.48
N GLY B 1 24.19 13.92 7.94
CA GLY B 1 24.25 13.36 6.56
C GLY B 1 23.13 12.39 6.25
N MET B 2 23.06 11.31 7.03
CA MET B 2 22.05 10.26 6.84
C MET B 2 22.35 9.42 5.61
N SER B 3 22.49 8.11 5.83
CA SER B 3 22.81 7.19 4.75
C SER B 3 21.58 6.53 4.14
N VAL B 4 21.37 6.78 2.85
CA VAL B 4 20.22 6.23 2.12
C VAL B 4 20.64 5.26 1.04
N VAL B 5 20.02 4.09 1.04
CA VAL B 5 20.32 3.10 0.02
C VAL B 5 19.10 2.95 -0.86
N THR B 6 19.34 2.75 -2.16
CA THR B 6 18.27 2.61 -3.15
C THR B 6 18.34 1.30 -3.94
N SER B 7 17.20 0.68 -4.20
CA SER B 7 17.18 -0.59 -4.94
C SER B 7 17.69 -0.49 -6.38
N PHE B 8 17.16 0.44 -7.17
CA PHE B 8 17.64 0.62 -8.54
C PHE B 8 17.43 2.04 -9.08
N TYR B 9 17.86 2.27 -10.30
CA TYR B 9 17.81 3.62 -10.86
C TYR B 9 16.60 4.52 -10.58
N PRO B 10 15.37 4.06 -10.87
CA PRO B 10 14.24 4.94 -10.58
C PRO B 10 14.23 5.42 -9.11
N MET B 11 14.39 4.51 -8.16
CA MET B 11 14.41 4.95 -6.76
C MET B 11 15.64 5.83 -6.50
N TYR B 12 16.76 5.49 -7.13
CA TYR B 12 17.96 6.29 -6.94
C TYR B 12 17.72 7.73 -7.38
N ALA B 13 17.22 7.90 -8.60
CA ALA B 13 16.99 9.24 -9.14
C ALA B 13 16.01 10.09 -8.33
N MET B 14 14.82 9.60 -8.03
CA MET B 14 13.88 10.41 -7.27
C MET B 14 14.37 10.76 -5.90
N THR B 15 14.76 9.74 -5.13
CA THR B 15 15.22 10.01 -3.77
C THR B 15 16.44 10.91 -3.75
N LYS B 16 17.19 10.94 -4.85
CA LYS B 16 18.37 11.79 -4.94
C LYS B 16 17.93 13.21 -5.29
N GLU B 17 17.13 13.36 -6.33
CA GLU B 17 16.66 14.67 -6.75
C GLU B 17 15.82 15.31 -5.64
N VAL B 18 15.03 14.48 -4.96
CA VAL B 18 14.20 14.96 -3.87
C VAL B 18 15.07 15.32 -2.66
N SER B 19 16.16 14.56 -2.47
CA SER B 19 17.07 14.79 -1.37
C SER B 19 18.13 15.88 -1.57
N GLY B 20 18.43 16.20 -2.83
CA GLY B 20 19.44 17.22 -3.10
C GLY B 20 20.83 16.86 -2.61
N ASP B 21 21.44 17.74 -1.83
CA ASP B 21 22.78 17.49 -1.28
C ASP B 21 22.72 17.28 0.22
N LEU B 22 21.53 17.03 0.75
CA LEU B 22 21.37 16.81 2.17
C LEU B 22 21.90 15.47 2.66
N ASN B 23 21.84 14.45 1.82
CA ASN B 23 22.30 13.13 2.23
C ASN B 23 23.23 12.43 1.23
N ASP B 24 23.53 11.16 1.51
CA ASP B 24 24.40 10.35 0.66
C ASP B 24 23.55 9.23 0.10
N VAL B 25 23.27 9.27 -1.20
CA VAL B 25 22.42 8.26 -1.81
C VAL B 25 23.16 7.29 -2.71
N ARG B 26 22.96 6.01 -2.45
CA ARG B 26 23.62 4.96 -3.21
C ARG B 26 22.58 4.04 -3.83
N MET B 27 23.01 3.33 -4.86
CA MET B 27 22.14 2.42 -5.57
C MET B 27 22.66 0.99 -5.48
N ILE B 28 21.81 0.06 -5.03
CA ILE B 28 22.27 -1.32 -4.92
C ILE B 28 22.54 -1.93 -6.28
N GLN B 29 21.53 -1.95 -7.14
CA GLN B 29 21.62 -2.53 -8.47
C GLN B 29 21.50 -1.52 -9.60
N SER B 30 22.63 -1.06 -10.11
CA SER B 30 22.62 -0.09 -11.20
C SER B 30 22.64 -0.80 -12.54
N GLY B 31 23.10 -2.05 -12.54
CA GLY B 31 23.16 -2.82 -13.76
C GLY B 31 21.75 -3.12 -14.24
N ALA B 32 21.56 -4.26 -14.90
CA ALA B 32 20.24 -4.63 -15.38
C ALA B 32 19.80 -5.88 -14.62
N GLY B 33 18.69 -6.46 -15.03
CA GLY B 33 18.20 -7.65 -14.36
C GLY B 33 17.57 -7.43 -13.00
N ILE B 34 16.96 -6.27 -12.80
CA ILE B 34 16.32 -5.99 -11.52
C ILE B 34 15.20 -6.98 -11.23
N HIS B 35 14.55 -7.47 -12.29
CA HIS B 35 13.45 -8.42 -12.12
C HIS B 35 13.91 -9.70 -11.46
N SER B 36 15.11 -10.15 -11.80
CA SER B 36 15.64 -11.39 -11.23
C SER B 36 16.73 -11.12 -10.18
N PHE B 37 16.96 -9.84 -9.90
CA PHE B 37 17.98 -9.46 -8.93
C PHE B 37 17.74 -10.07 -7.56
N GLU B 38 18.80 -10.52 -6.93
CA GLU B 38 18.75 -11.09 -5.60
C GLU B 38 19.95 -10.52 -4.88
N PRO B 39 19.74 -9.85 -3.74
CA PRO B 39 20.83 -9.25 -2.95
C PRO B 39 21.87 -10.22 -2.44
N SER B 40 23.10 -9.71 -2.35
CA SER B 40 24.22 -10.50 -1.86
C SER B 40 24.35 -10.15 -0.38
N VAL B 41 25.04 -10.99 0.37
CA VAL B 41 25.22 -10.73 1.79
C VAL B 41 25.84 -9.36 1.98
N ASN B 42 26.62 -8.92 1.01
CA ASN B 42 27.24 -7.62 1.12
C ASN B 42 26.17 -6.55 0.94
N ASP B 43 25.19 -6.85 0.10
CA ASP B 43 24.11 -5.92 -0.15
C ASP B 43 23.22 -5.73 1.09
N VAL B 44 22.60 -6.80 1.57
CA VAL B 44 21.72 -6.67 2.71
C VAL B 44 22.45 -6.00 3.87
N ALA B 45 23.71 -6.38 4.03
CA ALA B 45 24.55 -5.80 5.07
C ALA B 45 24.61 -4.28 4.90
N ALA B 46 24.69 -3.85 3.63
CA ALA B 46 24.77 -2.43 3.29
C ALA B 46 23.48 -1.73 3.71
N ILE B 47 22.37 -2.44 3.52
CA ILE B 47 21.06 -1.93 3.89
C ILE B 47 20.95 -1.77 5.41
N TYR B 48 21.27 -2.83 6.14
CA TYR B 48 21.21 -2.76 7.60
C TYR B 48 22.15 -1.72 8.20
N ASP B 49 23.23 -1.38 7.48
CA ASP B 49 24.15 -0.39 7.97
C ASP B 49 23.68 1.00 7.55
N ALA B 50 22.61 1.04 6.78
CA ALA B 50 22.08 2.31 6.30
C ALA B 50 21.06 2.87 7.28
N ASP B 51 20.55 4.07 6.98
CA ASP B 51 19.55 4.70 7.82
C ASP B 51 18.17 4.44 7.18
N LEU B 52 18.07 4.60 5.86
CA LEU B 52 16.82 4.38 5.17
C LEU B 52 17.08 3.66 3.85
N PHE B 53 16.38 2.55 3.65
CA PHE B 53 16.53 1.79 2.42
C PHE B 53 15.26 1.96 1.63
N VAL B 54 15.39 2.57 0.46
CA VAL B 54 14.26 2.81 -0.40
C VAL B 54 14.16 1.81 -1.55
N TYR B 55 13.00 1.18 -1.69
CA TYR B 55 12.80 0.26 -2.79
C TYR B 55 11.39 0.51 -3.35
N HIS B 56 11.21 0.19 -4.63
CA HIS B 56 9.95 0.42 -5.29
C HIS B 56 8.72 -0.29 -4.73
N SER B 57 8.66 -1.60 -4.94
CA SER B 57 7.50 -2.36 -4.50
C SER B 57 7.77 -3.84 -4.28
N HIS B 58 7.03 -4.40 -3.33
CA HIS B 58 7.14 -5.81 -2.97
C HIS B 58 6.78 -6.72 -4.12
N THR B 59 6.15 -6.18 -5.16
CA THR B 59 5.82 -7.00 -6.32
C THR B 59 7.02 -7.07 -7.27
N LEU B 60 8.00 -6.20 -7.06
CA LEU B 60 9.23 -6.15 -7.86
C LEU B 60 10.40 -6.67 -7.00
N GLU B 61 10.83 -5.86 -6.02
CA GLU B 61 11.90 -6.27 -5.13
C GLU B 61 11.31 -7.12 -4.02
N ALA B 62 10.80 -8.30 -4.38
CA ALA B 62 10.20 -9.21 -3.40
C ALA B 62 11.12 -9.53 -2.24
N TRP B 63 12.42 -9.61 -2.52
CA TRP B 63 13.39 -9.92 -1.47
C TRP B 63 13.41 -8.87 -0.36
N ALA B 64 13.09 -7.62 -0.69
CA ALA B 64 13.07 -6.55 0.30
C ALA B 64 12.20 -6.84 1.51
N ARG B 65 11.04 -7.46 1.31
CA ARG B 65 10.17 -7.73 2.45
C ARG B 65 10.78 -8.72 3.44
N ASP B 66 11.71 -9.54 2.97
CA ASP B 66 12.35 -10.50 3.87
C ASP B 66 13.22 -9.72 4.88
N LEU B 67 13.56 -8.48 4.54
CA LEU B 67 14.38 -7.64 5.41
C LEU B 67 13.68 -7.43 6.75
N ASP B 68 14.44 -7.57 7.84
CA ASP B 68 13.90 -7.41 9.18
C ASP B 68 14.83 -6.64 10.12
N PRO B 69 14.90 -5.31 9.95
CA PRO B 69 15.76 -4.49 10.81
C PRO B 69 15.76 -4.97 12.26
N ASN B 70 14.57 -4.97 12.83
CA ASN B 70 14.32 -5.36 14.22
C ASN B 70 15.18 -6.46 14.81
N LEU B 71 15.22 -7.63 14.18
CA LEU B 71 15.98 -8.70 14.78
C LEU B 71 17.38 -8.98 14.26
N LYS B 72 17.96 -7.98 13.61
CA LYS B 72 19.34 -8.04 13.13
C LYS B 72 19.90 -6.87 13.97
N LYS B 73 19.00 -6.25 14.72
CA LYS B 73 19.28 -5.11 15.60
C LYS B 73 19.75 -3.88 14.85
N SER B 74 19.18 -3.65 13.67
CA SER B 74 19.56 -2.50 12.88
C SER B 74 18.60 -1.32 13.04
N LYS B 75 19.09 -0.09 12.86
CA LYS B 75 18.27 1.12 12.97
C LYS B 75 17.76 1.57 11.59
N VAL B 76 17.69 0.63 10.66
CA VAL B 76 17.24 0.90 9.29
C VAL B 76 15.75 1.21 9.15
N ASN B 77 15.41 1.92 8.09
CA ASN B 77 14.02 2.26 7.79
C ASN B 77 13.80 1.78 6.36
N VAL B 78 13.31 0.55 6.25
CA VAL B 78 13.01 -0.02 4.95
C VAL B 78 11.73 0.65 4.49
N PHE B 79 11.78 1.30 3.33
CA PHE B 79 10.63 2.02 2.82
C PHE B 79 10.20 1.52 1.44
N GLU B 80 8.92 1.21 1.30
CA GLU B 80 8.40 0.76 0.02
C GLU B 80 7.76 2.01 -0.59
N ALA B 81 8.49 2.65 -1.48
CA ALA B 81 8.02 3.90 -2.07
C ALA B 81 6.76 3.91 -2.94
N SER B 82 6.31 2.77 -3.45
CA SER B 82 5.11 2.80 -4.28
C SER B 82 3.85 2.30 -3.55
N LYS B 83 4.01 1.89 -2.30
CA LYS B 83 2.88 1.38 -1.53
C LYS B 83 1.54 2.16 -1.73
N PRO B 84 1.57 3.50 -1.63
CA PRO B 84 0.32 4.25 -1.81
C PRO B 84 -0.31 4.03 -3.19
N LEU B 85 0.52 3.87 -4.22
CA LEU B 85 0.05 3.64 -5.59
C LEU B 85 -0.69 2.32 -5.66
N THR B 86 -1.59 2.20 -6.63
CA THR B 86 -2.35 0.96 -6.81
C THR B 86 -1.97 0.37 -8.16
N LEU B 87 -1.49 -0.88 -8.15
CA LEU B 87 -1.04 -1.54 -9.37
C LEU B 87 -2.11 -2.33 -10.10
N ASP B 88 -2.04 -2.31 -11.44
CA ASP B 88 -2.97 -3.05 -12.28
C ASP B 88 -2.51 -4.50 -12.21
N ARG B 89 -3.45 -5.40 -12.45
CA ARG B 89 -3.11 -6.80 -12.42
C ARG B 89 -2.45 -7.11 -13.75
N VAL B 90 -1.57 -8.09 -13.75
CA VAL B 90 -0.88 -8.46 -14.97
C VAL B 90 -1.88 -8.80 -16.06
N LYS B 91 -2.86 -9.62 -15.73
CA LYS B 91 -3.89 -9.97 -16.71
C LYS B 91 -5.24 -9.93 -16.01
N PRO B 92 -6.32 -9.76 -16.79
CA PRO B 92 -7.68 -9.73 -16.22
C PRO B 92 -7.86 -11.13 -15.61
N GLY B 93 -7.95 -11.20 -14.28
CA GLY B 93 -8.06 -12.47 -13.58
C GLY B 93 -6.67 -13.06 -13.39
N ALA B 94 -5.90 -12.44 -12.49
CA ALA B 94 -4.53 -12.85 -12.16
C ALA B 94 -4.12 -12.28 -10.81
N THR B 95 -3.49 -13.11 -9.99
CA THR B 95 -3.07 -12.70 -8.67
C THR B 95 -1.75 -11.91 -8.66
N VAL B 96 -1.24 -11.58 -9.86
CA VAL B 96 0.02 -10.84 -9.98
C VAL B 96 -0.20 -9.42 -10.52
N TYR B 97 0.69 -8.50 -10.15
CA TYR B 97 0.58 -7.10 -10.56
C TYR B 97 1.74 -6.58 -11.41
N ASP B 98 1.45 -5.50 -12.14
CA ASP B 98 2.39 -4.81 -13.01
C ASP B 98 2.99 -3.66 -12.20
N PRO B 99 4.30 -3.72 -11.92
CA PRO B 99 5.01 -2.69 -11.14
C PRO B 99 5.63 -1.54 -11.92
N HIS B 100 5.57 -1.60 -13.26
CA HIS B 100 6.16 -0.58 -14.13
C HIS B 100 5.44 0.78 -14.15
N THR B 101 5.18 1.33 -12.97
CA THR B 101 4.47 2.60 -12.86
C THR B 101 5.37 3.79 -13.08
N TRP B 102 6.64 3.66 -12.71
CA TRP B 102 7.59 4.76 -12.83
C TRP B 102 7.76 5.39 -14.23
N THR B 103 7.44 4.66 -15.30
CA THR B 103 7.58 5.24 -16.66
C THR B 103 6.39 6.13 -17.02
N ASP B 104 5.40 6.18 -16.13
CA ASP B 104 4.24 7.06 -16.28
C ASP B 104 4.59 8.23 -15.36
N PRO B 105 4.83 9.40 -15.96
CA PRO B 105 5.20 10.68 -15.31
C PRO B 105 4.44 11.07 -14.06
N VAL B 106 3.13 10.88 -14.08
CA VAL B 106 2.29 11.21 -12.95
C VAL B 106 2.57 10.31 -11.74
N LEU B 107 2.63 9.00 -11.99
CA LEU B 107 2.91 8.06 -10.92
C LEU B 107 4.35 8.25 -10.47
N ALA B 108 5.23 8.59 -11.42
CA ALA B 108 6.63 8.80 -11.09
C ALA B 108 6.72 9.93 -10.10
N GLY B 109 6.01 11.01 -10.38
CA GLY B 109 6.04 12.17 -9.51
C GLY B 109 5.42 11.99 -8.14
N GLU B 110 4.33 11.24 -8.05
CA GLU B 110 3.71 11.09 -6.75
C GLU B 110 4.42 10.06 -5.87
N GLU B 111 5.30 9.27 -6.50
CA GLU B 111 6.09 8.29 -5.77
C GLU B 111 7.25 9.10 -5.19
N ALA B 112 7.72 10.07 -5.96
CA ALA B 112 8.81 10.91 -5.52
C ALA B 112 8.35 11.74 -4.34
N VAL B 113 7.05 12.04 -4.32
CA VAL B 113 6.46 12.83 -3.23
C VAL B 113 6.37 11.99 -1.97
N ASN B 114 6.03 10.72 -2.15
CA ASN B 114 5.97 9.80 -1.03
C ASN B 114 7.40 9.68 -0.45
N ILE B 115 8.39 9.48 -1.32
CA ILE B 115 9.78 9.39 -0.89
C ILE B 115 10.23 10.70 -0.20
N ALA B 116 9.68 11.83 -0.64
CA ALA B 116 10.03 13.10 -0.03
C ALA B 116 9.36 13.24 1.32
N LYS B 117 8.27 12.50 1.54
CA LYS B 117 7.55 12.54 2.82
C LYS B 117 8.27 11.71 3.89
N GLU B 118 8.99 10.69 3.42
CA GLU B 118 9.73 9.81 4.30
C GLU B 118 10.98 10.56 4.77
N LEU B 119 11.73 11.09 3.81
CA LEU B 119 12.93 11.84 4.11
C LEU B 119 12.69 12.86 5.20
N GLY B 120 11.63 13.65 5.02
CA GLY B 120 11.28 14.68 5.99
C GLY B 120 10.82 14.10 7.31
N HIS B 121 10.30 12.87 7.29
CA HIS B 121 9.82 12.26 8.51
C HIS B 121 10.97 11.66 9.32
N LEU B 122 12.12 11.51 8.68
CA LEU B 122 13.30 10.96 9.31
C LEU B 122 14.31 12.08 9.55
N ASP B 123 14.15 13.19 8.84
CA ASP B 123 15.05 14.31 8.95
C ASP B 123 14.21 15.58 8.99
N PRO B 124 13.44 15.76 10.08
CA PRO B 124 12.55 16.91 10.32
C PRO B 124 13.19 18.28 10.13
N LYS B 125 14.42 18.45 10.59
CA LYS B 125 15.11 19.73 10.47
C LYS B 125 15.21 20.21 9.03
N HIS B 126 14.90 19.35 8.08
CA HIS B 126 14.97 19.75 6.67
C HIS B 126 13.66 19.45 5.94
N LYS B 127 12.68 18.95 6.68
CA LYS B 127 11.38 18.60 6.11
C LYS B 127 10.98 19.52 4.96
N ASP B 128 11.12 20.83 5.18
CA ASP B 128 10.73 21.81 4.16
C ASP B 128 11.47 21.68 2.85
N SER B 129 12.80 21.52 2.92
CA SER B 129 13.60 21.39 1.72
C SER B 129 13.22 20.16 0.89
N TYR B 130 12.79 19.08 1.55
CA TYR B 130 12.40 17.89 0.83
C TYR B 130 11.17 18.15 -0.02
N THR B 131 10.09 18.54 0.64
CA THR B 131 8.84 18.83 -0.05
C THR B 131 9.06 19.92 -1.11
N LYS B 132 10.00 20.82 -0.89
CA LYS B 132 10.28 21.89 -1.86
C LYS B 132 10.81 21.32 -3.16
N LYS B 133 11.54 20.21 -3.06
CA LYS B 133 12.14 19.58 -4.22
C LYS B 133 11.20 18.59 -4.87
N ALA B 134 10.28 18.06 -4.07
CA ALA B 134 9.30 17.11 -4.58
C ALA B 134 8.28 17.87 -5.42
N LYS B 135 7.75 18.96 -4.86
CA LYS B 135 6.77 19.78 -5.56
C LYS B 135 7.32 20.18 -6.93
N ALA B 136 8.61 20.52 -6.97
CA ALA B 136 9.26 20.92 -8.22
C ALA B 136 9.35 19.72 -9.13
N PHE B 137 9.62 18.56 -8.55
CA PHE B 137 9.74 17.34 -9.33
C PHE B 137 8.38 16.99 -9.89
N LYS B 138 7.37 17.01 -9.03
CA LYS B 138 6.02 16.67 -9.47
C LYS B 138 5.53 17.69 -10.49
N LYS B 139 5.84 18.97 -10.26
CA LYS B 139 5.43 20.03 -11.17
C LYS B 139 5.96 19.78 -12.57
N GLU B 140 7.27 19.53 -12.69
CA GLU B 140 7.80 19.27 -14.03
C GLU B 140 7.40 17.88 -14.50
N ALA B 141 6.66 17.17 -13.65
CA ALA B 141 6.14 15.85 -13.97
C ALA B 141 4.75 16.06 -14.56
N GLU B 142 4.11 17.16 -14.18
CA GLU B 142 2.78 17.51 -14.67
C GLU B 142 2.99 18.27 -15.97
N GLN B 143 4.14 18.94 -16.05
CA GLN B 143 4.52 19.71 -17.24
C GLN B 143 4.74 18.74 -18.39
N LEU B 144 5.57 17.73 -18.13
CA LEU B 144 5.89 16.71 -19.11
C LEU B 144 4.66 15.93 -19.51
N THR B 145 3.81 15.62 -18.54
CA THR B 145 2.59 14.88 -18.82
C THR B 145 1.70 15.69 -19.76
N GLU B 146 1.49 16.96 -19.42
CA GLU B 146 0.67 17.85 -20.24
C GLU B 146 1.20 17.94 -21.66
N GLU B 147 2.51 18.06 -21.80
CA GLU B 147 3.14 18.18 -23.10
C GLU B 147 2.88 16.98 -24.01
N TYR B 148 3.19 15.79 -23.54
CA TYR B 148 3.01 14.61 -24.34
C TYR B 148 1.59 14.13 -24.53
N THR B 149 0.72 14.43 -23.57
CA THR B 149 -0.67 14.02 -23.72
C THR B 149 -1.18 14.73 -24.97
N GLN B 150 -0.66 15.94 -25.17
CA GLN B 150 -1.02 16.74 -26.33
C GLN B 150 -0.45 16.14 -27.62
N LYS B 151 0.88 16.02 -27.66
CA LYS B 151 1.56 15.47 -28.82
C LYS B 151 1.00 14.13 -29.28
N PHE B 152 0.53 13.31 -28.34
CA PHE B 152 0.00 12.00 -28.71
C PHE B 152 -1.45 12.04 -29.19
N LYS B 153 -2.14 13.14 -28.92
CA LYS B 153 -3.52 13.25 -29.35
C LYS B 153 -3.57 13.68 -30.81
N LYS B 154 -2.43 14.16 -31.30
CA LYS B 154 -2.31 14.61 -32.68
C LYS B 154 -1.64 13.53 -33.54
N VAL B 155 -1.51 12.34 -32.97
CA VAL B 155 -0.89 11.21 -33.65
C VAL B 155 -1.93 10.09 -33.79
N ARG B 156 -2.16 9.62 -35.00
CA ARG B 156 -3.15 8.56 -35.21
C ARG B 156 -2.65 7.19 -34.82
N SER B 157 -1.34 6.94 -34.98
CA SER B 157 -0.79 5.64 -34.59
C SER B 157 -0.82 5.62 -33.06
N LYS B 158 -1.39 4.57 -32.51
CA LYS B 158 -1.53 4.47 -31.06
C LYS B 158 -0.81 3.27 -30.46
N THR B 159 -0.44 2.31 -31.30
CA THR B 159 0.22 1.10 -30.83
C THR B 159 1.72 0.96 -31.07
N PHE B 160 2.39 0.36 -30.09
CA PHE B 160 3.81 0.11 -30.16
C PHE B 160 4.09 -1.22 -29.46
N VAL B 161 5.17 -1.89 -29.84
CA VAL B 161 5.56 -3.16 -29.24
C VAL B 161 6.93 -2.96 -28.59
N THR B 162 7.11 -3.55 -27.42
CA THR B 162 8.36 -3.42 -26.68
C THR B 162 8.92 -4.78 -26.28
N GLN B 163 10.25 -4.80 -26.03
CA GLN B 163 11.01 -6.00 -25.66
C GLN B 163 10.32 -6.76 -24.54
N HIS B 164 9.85 -6.06 -23.52
CA HIS B 164 9.06 -6.69 -22.44
C HIS B 164 7.99 -5.72 -21.96
N THR B 165 6.96 -6.25 -21.33
CA THR B 165 5.85 -5.42 -20.85
C THR B 165 6.28 -4.46 -19.76
N ALA B 166 6.92 -3.36 -20.14
CA ALA B 166 7.38 -2.39 -19.14
C ALA B 166 6.78 -0.99 -19.29
N PHE B 167 5.84 -0.83 -20.22
CA PHE B 167 5.23 0.48 -20.44
C PHE B 167 3.69 0.54 -20.35
N SER B 168 3.07 -0.44 -19.71
CA SER B 168 1.60 -0.44 -19.58
C SER B 168 1.04 0.86 -19.01
N TYR B 169 1.61 1.31 -17.90
CA TYR B 169 1.15 2.54 -17.27
C TYR B 169 1.40 3.78 -18.13
N LEU B 170 2.57 3.85 -18.76
CA LEU B 170 2.87 5.00 -19.62
C LEU B 170 1.88 4.98 -20.79
N ALA B 171 1.65 3.80 -21.35
CA ALA B 171 0.71 3.68 -22.47
C ALA B 171 -0.67 4.11 -21.97
N LYS B 172 -1.09 3.52 -20.86
CA LYS B 172 -2.39 3.83 -20.32
C LYS B 172 -2.61 5.34 -20.13
N ARG B 173 -1.55 6.08 -19.81
CA ARG B 173 -1.72 7.52 -19.59
C ARG B 173 -1.65 8.40 -20.80
N PHE B 174 -1.30 7.86 -21.95
CA PHE B 174 -1.24 8.70 -23.13
C PHE B 174 -2.16 8.15 -24.20
N GLY B 175 -3.15 7.39 -23.76
CA GLY B 175 -4.12 6.81 -24.67
C GLY B 175 -3.54 5.86 -25.70
N LEU B 176 -2.37 5.29 -25.41
CA LEU B 176 -1.71 4.36 -26.33
C LEU B 176 -1.96 2.91 -25.92
N LYS B 177 -1.75 1.99 -26.87
CA LYS B 177 -1.89 0.56 -26.64
C LYS B 177 -0.49 -0.03 -26.78
N GLN B 178 -0.12 -0.94 -25.89
CA GLN B 178 1.21 -1.53 -26.00
C GLN B 178 1.18 -3.03 -25.78
N LEU B 179 2.21 -3.69 -26.29
CA LEU B 179 2.34 -5.13 -26.16
C LEU B 179 3.82 -5.51 -25.98
N GLY B 180 4.08 -6.35 -25.00
CA GLY B 180 5.45 -6.77 -24.75
C GLY B 180 5.82 -8.06 -25.42
N ILE B 181 7.03 -8.12 -25.98
CA ILE B 181 7.46 -9.33 -26.63
C ILE B 181 7.58 -10.35 -25.52
N SER B 182 8.13 -9.93 -24.39
CA SER B 182 8.24 -10.81 -23.23
C SER B 182 7.27 -10.22 -22.21
N GLY B 183 7.12 -10.91 -21.08
CA GLY B 183 6.20 -10.46 -20.04
C GLY B 183 6.67 -9.31 -19.18
N ILE B 184 6.13 -9.25 -17.96
CA ILE B 184 6.50 -8.21 -17.01
C ILE B 184 8.01 -8.25 -16.77
N SER B 185 8.58 -9.43 -16.94
CA SER B 185 10.01 -9.64 -16.78
C SER B 185 10.59 -10.19 -18.09
N PRO B 186 11.77 -9.71 -18.49
CA PRO B 186 12.40 -10.17 -19.73
C PRO B 186 12.68 -11.67 -19.70
N GLU B 187 12.72 -12.26 -18.51
CA GLU B 187 12.95 -13.68 -18.38
C GLU B 187 11.80 -14.44 -19.03
N GLN B 188 10.58 -14.03 -18.69
CA GLN B 188 9.37 -14.65 -19.21
C GLN B 188 9.27 -14.45 -20.71
N GLU B 189 9.96 -15.32 -21.45
CA GLU B 189 9.99 -15.28 -22.91
C GLU B 189 8.82 -16.02 -23.55
N PRO B 190 8.38 -15.56 -24.72
CA PRO B 190 7.26 -16.13 -25.48
C PRO B 190 7.49 -17.49 -26.13
N SER B 191 6.45 -18.32 -26.11
CA SER B 191 6.52 -19.63 -26.74
C SER B 191 6.37 -19.33 -28.24
N PRO B 192 6.55 -20.34 -29.10
CA PRO B 192 6.40 -20.01 -30.52
C PRO B 192 4.97 -19.58 -30.84
N ARG B 193 4.06 -19.91 -29.94
CA ARG B 193 2.67 -19.57 -30.13
C ARG B 193 2.47 -18.07 -29.95
N GLN B 194 2.88 -17.56 -28.79
CA GLN B 194 2.75 -16.13 -28.50
C GLN B 194 3.58 -15.21 -29.42
N LEU B 195 4.43 -15.83 -30.22
CA LEU B 195 5.23 -15.06 -31.16
C LEU B 195 4.39 -14.78 -32.35
N LYS B 196 3.56 -15.76 -32.69
CA LYS B 196 2.66 -15.63 -33.82
C LYS B 196 1.53 -14.70 -33.40
N GLU B 197 1.28 -14.64 -32.10
CA GLU B 197 0.27 -13.74 -31.57
C GLU B 197 0.86 -12.33 -31.69
N ILE B 198 2.09 -12.16 -31.21
CA ILE B 198 2.77 -10.88 -31.29
C ILE B 198 2.77 -10.45 -32.75
N GLN B 199 3.01 -11.42 -33.63
CA GLN B 199 3.04 -11.14 -35.06
C GLN B 199 1.69 -10.64 -35.56
N ASP B 200 0.65 -11.45 -35.39
CA ASP B 200 -0.69 -11.05 -35.83
C ASP B 200 -1.12 -9.75 -35.17
N PHE B 201 -0.60 -9.49 -33.98
CA PHE B 201 -0.92 -8.26 -33.28
C PHE B 201 -0.28 -7.05 -33.97
N VAL B 202 0.97 -7.19 -34.39
CA VAL B 202 1.68 -6.11 -35.07
C VAL B 202 0.97 -5.82 -36.37
N LYS B 203 0.55 -6.89 -37.05
CA LYS B 203 -0.15 -6.74 -38.31
C LYS B 203 -1.54 -6.12 -38.05
N GLU B 204 -2.30 -6.70 -37.13
CA GLU B 204 -3.61 -6.17 -36.83
C GLU B 204 -3.62 -4.65 -36.65
N TYR B 205 -2.78 -4.14 -35.75
CA TYR B 205 -2.71 -2.70 -35.50
C TYR B 205 -1.62 -1.99 -36.32
N ASN B 206 -1.16 -2.64 -37.39
CA ASN B 206 -0.13 -2.09 -38.25
C ASN B 206 0.95 -1.34 -37.46
N VAL B 207 1.57 -2.07 -36.54
CA VAL B 207 2.65 -1.48 -35.74
C VAL B 207 3.84 -1.44 -36.69
N LYS B 208 4.52 -0.31 -36.77
CA LYS B 208 5.64 -0.22 -37.69
C LYS B 208 7.01 -0.05 -37.04
N THR B 209 7.02 -0.16 -35.70
CA THR B 209 8.25 -0.05 -34.94
C THR B 209 8.20 -0.96 -33.73
N ILE B 210 9.26 -1.71 -33.54
CA ILE B 210 9.39 -2.61 -32.41
C ILE B 210 10.55 -2.06 -31.58
N PHE B 211 10.26 -1.71 -30.33
CA PHE B 211 11.24 -1.13 -29.43
C PHE B 211 12.03 -2.12 -28.57
N ALA B 212 13.32 -2.21 -28.85
CA ALA B 212 14.21 -3.07 -28.09
C ALA B 212 14.77 -2.27 -26.93
N GLU B 213 15.41 -2.95 -25.98
CA GLU B 213 16.00 -2.24 -24.85
C GLU B 213 17.45 -2.69 -24.70
N ASP B 214 18.30 -1.80 -24.21
CA ASP B 214 19.71 -2.14 -24.07
C ASP B 214 19.98 -3.36 -23.20
N ASN B 215 19.13 -3.56 -22.21
CA ASN B 215 19.27 -4.66 -21.26
C ASN B 215 19.23 -6.09 -21.83
N VAL B 216 18.53 -6.31 -22.94
CA VAL B 216 18.41 -7.66 -23.49
C VAL B 216 18.83 -7.85 -24.95
N ASN B 217 18.82 -9.11 -25.38
CA ASN B 217 19.21 -9.50 -26.73
C ASN B 217 18.10 -9.13 -27.72
N PRO B 218 18.41 -8.32 -28.75
CA PRO B 218 17.48 -7.86 -29.78
C PRO B 218 17.16 -8.88 -30.88
N LYS B 219 17.68 -10.08 -30.77
CA LYS B 219 17.43 -11.11 -31.77
C LYS B 219 15.93 -11.28 -32.06
N ILE B 220 15.18 -11.74 -31.05
CA ILE B 220 13.74 -11.97 -31.17
C ILE B 220 13.02 -10.76 -31.74
N ALA B 221 13.39 -9.58 -31.25
CA ALA B 221 12.77 -8.36 -31.74
C ALA B 221 13.02 -8.23 -33.23
N HIS B 222 14.31 -8.28 -33.61
CA HIS B 222 14.69 -8.16 -35.02
C HIS B 222 13.91 -9.09 -35.91
N ALA B 223 13.74 -10.33 -35.47
CA ALA B 223 13.00 -11.34 -36.24
C ALA B 223 11.54 -10.94 -36.48
N ILE B 224 10.84 -10.51 -35.44
CA ILE B 224 9.46 -10.09 -35.60
C ILE B 224 9.43 -8.90 -36.56
N ALA B 225 10.35 -7.96 -36.37
CA ALA B 225 10.43 -6.76 -37.20
C ALA B 225 10.70 -7.03 -38.68
N LYS B 226 11.44 -8.08 -38.99
CA LYS B 226 11.73 -8.43 -40.39
C LYS B 226 10.51 -9.12 -40.97
N SER B 227 9.94 -10.03 -40.18
CA SER B 227 8.77 -10.81 -40.59
C SER B 227 7.48 -10.04 -40.73
N THR B 228 7.46 -8.81 -40.25
CA THR B 228 6.25 -7.99 -40.34
C THR B 228 6.52 -6.63 -40.97
N GLY B 229 7.76 -6.43 -41.40
CA GLY B 229 8.14 -5.19 -42.06
C GLY B 229 8.23 -3.95 -41.22
N ALA B 230 8.47 -4.09 -39.93
CA ALA B 230 8.58 -2.93 -39.06
C ALA B 230 10.06 -2.72 -38.77
N LYS B 231 10.43 -1.55 -38.29
CA LYS B 231 11.82 -1.27 -37.97
C LYS B 231 12.05 -1.35 -36.46
N VAL B 232 13.30 -1.50 -36.04
CA VAL B 232 13.65 -1.62 -34.62
C VAL B 232 14.27 -0.34 -34.09
N LYS B 233 13.84 0.07 -32.90
CA LYS B 233 14.38 1.25 -32.28
C LYS B 233 14.66 0.92 -30.82
N THR B 234 15.22 1.88 -30.10
CA THR B 234 15.53 1.64 -28.70
C THR B 234 14.65 2.41 -27.72
N LEU B 235 13.96 1.68 -26.84
CA LEU B 235 13.14 2.32 -25.82
C LEU B 235 13.55 1.72 -24.48
N SER B 236 13.92 2.58 -23.55
CA SER B 236 14.34 2.15 -22.23
C SER B 236 13.25 2.19 -21.14
N PRO B 237 13.08 1.09 -20.39
CA PRO B 237 12.07 1.06 -19.32
C PRO B 237 12.67 1.73 -18.07
N LEU B 238 13.85 2.31 -18.28
CA LEU B 238 14.62 2.99 -17.25
C LEU B 238 14.85 2.10 -16.06
N GLU B 239 15.00 0.80 -16.32
CA GLU B 239 15.24 -0.16 -15.26
C GLU B 239 16.71 -0.27 -14.97
N ALA B 240 17.50 0.44 -15.76
CA ALA B 240 18.94 0.46 -15.59
C ALA B 240 19.35 1.91 -15.65
N ALA B 241 20.47 2.24 -15.00
CA ALA B 241 20.96 3.61 -14.94
C ALA B 241 21.36 4.10 -16.31
N PRO B 242 20.68 5.13 -16.82
CA PRO B 242 21.02 5.67 -18.14
C PRO B 242 22.37 6.34 -18.14
N SER B 243 23.02 6.33 -19.31
CA SER B 243 24.32 6.94 -19.49
C SER B 243 24.10 8.45 -19.42
N GLY B 244 25.19 9.21 -19.43
CA GLY B 244 25.07 10.65 -19.36
C GLY B 244 24.63 11.06 -17.96
N ASN B 245 24.39 12.34 -17.76
CA ASN B 245 23.96 12.84 -16.47
C ASN B 245 22.70 13.71 -16.52
N LYS B 246 21.64 13.14 -17.10
CA LYS B 246 20.34 13.81 -17.22
C LYS B 246 19.51 13.53 -15.96
N THR B 247 18.46 14.29 -15.77
CA THR B 247 17.58 14.07 -14.62
C THR B 247 16.67 12.91 -15.00
N TYR B 248 16.01 12.34 -14.00
CA TYR B 248 15.10 11.23 -14.23
C TYR B 248 14.06 11.64 -15.26
N LEU B 249 13.40 12.76 -14.99
CA LEU B 249 12.39 13.22 -15.92
C LEU B 249 12.99 13.58 -17.27
N GLU B 250 14.19 14.17 -17.27
CA GLU B 250 14.79 14.49 -18.56
C GLU B 250 14.98 13.15 -19.28
N ASN B 251 15.47 12.15 -18.56
CA ASN B 251 15.70 10.83 -19.13
C ASN B 251 14.40 10.24 -19.66
N LEU B 252 13.31 10.47 -18.92
CA LEU B 252 12.01 9.96 -19.34
C LEU B 252 11.51 10.71 -20.58
N ARG B 253 11.66 12.04 -20.57
CA ARG B 253 11.25 12.86 -21.69
C ARG B 253 11.91 12.35 -22.97
N ALA B 254 13.20 12.04 -22.90
CA ALA B 254 13.93 11.55 -24.06
C ALA B 254 13.30 10.32 -24.66
N ASN B 255 12.92 9.38 -23.80
CA ASN B 255 12.29 8.15 -24.27
C ASN B 255 10.89 8.43 -24.79
N LEU B 256 10.20 9.37 -24.17
CA LEU B 256 8.86 9.75 -24.60
C LEU B 256 8.93 10.41 -25.97
N GLU B 257 10.03 11.12 -26.22
CA GLU B 257 10.26 11.77 -27.50
C GLU B 257 10.44 10.77 -28.65
N VAL B 258 11.26 9.75 -28.41
CA VAL B 258 11.48 8.69 -29.40
C VAL B 258 10.16 7.99 -29.75
N LEU B 259 9.38 7.81 -28.72
CA LEU B 259 8.10 7.16 -28.83
C LEU B 259 7.20 7.97 -29.75
N TYR B 260 7.13 9.27 -29.48
CA TYR B 260 6.33 10.21 -30.25
C TYR B 260 6.77 10.26 -31.72
N GLN B 261 8.07 10.40 -31.95
CA GLN B 261 8.60 10.46 -33.30
C GLN B 261 8.28 9.19 -34.09
N GLN B 262 8.50 8.04 -33.46
CA GLN B 262 8.21 6.78 -34.14
C GLN B 262 6.73 6.61 -34.46
N LEU B 263 5.89 7.07 -33.54
CA LEU B 263 4.45 6.95 -33.71
C LEU B 263 3.82 8.01 -34.62
N LYS B 264 4.62 8.89 -35.21
CA LYS B 264 4.02 9.89 -36.07
C LYS B 264 4.48 9.76 -37.53
ZN ZN C . -9.03 -8.74 15.14
ZN ZN D . 10.52 -4.55 -16.49
#